data_3NAR
#
_entry.id   3NAR
#
_cell.length_a   64.900
_cell.length_b   48.800
_cell.length_c   49.320
_cell.angle_alpha   90.00
_cell.angle_beta   104.02
_cell.angle_gamma   90.00
#
_symmetry.space_group_name_H-M   'C 1 2 1'
#
loop_
_entity.id
_entity.type
_entity.pdbx_description
1 polymer 'Zinc fingers and homeoboxes protein 1'
2 non-polymer 'SULFATE ION'
3 water water
#
_entity_poly.entity_id   1
_entity_poly.type   'polypeptide(L)'
_entity_poly.pdbx_seq_one_letter_code
;MAHHHHHHSSGLEVLFQGPAPKSGSTGKICKKTPEQLHMLKSAFVRTQWPSPEEYDKLAKESGLARTDIVSWFGDTRYAW
KNGNLKWYYYYQSANS
;
_entity_poly.pdbx_strand_id   A,B
#
loop_
_chem_comp.id
_chem_comp.type
_chem_comp.name
_chem_comp.formula
SO4 non-polymer 'SULFATE ION' 'O4 S -2'
#
# COMPACT_ATOMS: atom_id res chain seq x y z
N GLY A 27 -4.16 34.06 2.74
CA GLY A 27 -5.52 33.77 2.18
C GLY A 27 -5.47 32.75 1.05
N LYS A 28 -5.31 31.48 1.41
CA LYS A 28 -5.23 30.38 0.43
C LYS A 28 -6.15 29.22 0.82
N ILE A 29 -6.62 28.47 -0.18
CA ILE A 29 -7.43 27.28 0.06
C ILE A 29 -6.58 26.16 0.63
N CYS A 30 -5.46 25.86 -0.04
CA CYS A 30 -4.56 24.81 0.41
C CYS A 30 -3.80 25.27 1.66
N LYS A 31 -4.40 25.02 2.83
CA LYS A 31 -3.82 25.38 4.13
C LYS A 31 -2.30 25.16 4.21
N LYS A 32 -1.84 24.00 3.74
CA LYS A 32 -0.42 23.65 3.74
C LYS A 32 0.24 24.09 2.43
N THR A 33 1.49 24.58 2.51
CA THR A 33 2.24 25.02 1.32
C THR A 33 2.70 23.83 0.45
N PRO A 34 2.97 24.07 -0.84
CA PRO A 34 3.50 23.01 -1.71
C PRO A 34 4.71 22.28 -1.14
N GLU A 35 5.64 23.04 -0.56
CA GLU A 35 6.84 22.47 0.05
C GLU A 35 6.49 21.63 1.27
N GLN A 36 5.56 22.13 2.09
CA GLN A 36 5.08 21.36 3.23
C GLN A 36 4.41 20.08 2.77
N LEU A 37 3.55 20.18 1.75
CA LEU A 37 2.82 19.03 1.23
C LEU A 37 3.80 18.01 0.64
N HIS A 38 4.75 18.49 -0.14
CA HIS A 38 5.74 17.63 -0.75
C HIS A 38 6.56 16.85 0.30
N MET A 39 6.75 17.44 1.47
CA MET A 39 7.45 16.77 2.55
C MET A 39 6.63 15.62 3.14
N LEU A 40 5.34 15.89 3.39
CA LEU A 40 4.43 14.88 3.92
C LEU A 40 4.29 13.67 2.98
N LYS A 41 4.25 13.92 1.68
CA LYS A 41 4.16 12.85 0.69
C LYS A 41 5.42 11.98 0.71
N SER A 42 6.59 12.63 0.82
CA SER A 42 7.86 11.91 0.91
C SER A 42 7.98 11.17 2.23
N ALA A 43 7.41 11.71 3.28
CA ALA A 43 7.36 11.01 4.56
C ALA A 43 6.41 9.82 4.48
N PHE A 44 5.27 10.02 3.82
CA PHE A 44 4.26 8.96 3.69
C PHE A 44 4.80 7.71 3.01
N VAL A 45 5.62 7.89 1.99
CA VAL A 45 6.11 6.76 1.18
C VAL A 45 7.11 5.88 1.94
N ARG A 46 7.83 6.47 2.89
CA ARG A 46 8.75 5.69 3.73
C ARG A 46 8.02 4.90 4.81
N THR A 47 7.10 5.59 5.51
CA THR A 47 6.24 4.95 6.50
C THR A 47 4.87 5.63 6.50
N GLN A 48 3.82 4.81 6.54
CA GLN A 48 2.44 5.31 6.58
C GLN A 48 1.92 5.37 8.01
N TRP A 49 2.66 4.81 8.96
CA TRP A 49 2.36 4.92 10.38
C TRP A 49 3.59 5.41 11.15
N PRO A 50 3.89 6.72 11.06
CA PRO A 50 5.08 7.28 11.71
C PRO A 50 5.06 7.11 13.22
N SER A 51 6.24 6.94 13.80
CA SER A 51 6.37 6.81 15.26
C SER A 51 6.10 8.15 15.92
N PRO A 52 5.79 8.13 17.23
CA PRO A 52 5.64 9.37 17.99
C PRO A 52 6.76 10.40 17.76
N GLU A 53 8.00 9.93 17.73
CA GLU A 53 9.16 10.81 17.50
C GLU A 53 9.24 11.32 16.05
N GLU A 54 8.87 10.47 15.09
CA GLU A 54 8.89 10.85 13.67
C GLU A 54 7.90 11.96 13.37
N TYR A 55 6.77 11.97 14.07
CA TYR A 55 5.80 13.06 13.94
C TYR A 55 6.37 14.37 14.46
N ASP A 56 7.09 14.31 15.60
CA ASP A 56 7.75 15.49 16.15
C ASP A 56 8.74 16.07 15.13
N LYS A 57 9.55 15.20 14.52
CA LYS A 57 10.54 15.63 13.52
C LYS A 57 9.87 16.28 12.31
N LEU A 58 8.80 15.65 11.81
CA LEU A 58 8.08 16.20 10.67
C LEU A 58 7.50 17.57 10.97
N ALA A 59 6.95 17.74 12.18
CA ALA A 59 6.49 19.06 12.64
C ALA A 59 7.64 20.07 12.60
N LYS A 60 8.76 19.69 13.22
CA LYS A 60 9.93 20.54 13.31
C LYS A 60 10.45 21.00 11.94
N GLU A 61 10.51 20.07 10.98
CA GLU A 61 11.06 20.35 9.65
C GLU A 61 10.06 20.97 8.68
N SER A 62 8.76 20.77 8.92
CA SER A 62 7.72 21.32 8.07
C SER A 62 7.25 22.70 8.55
N GLY A 63 7.29 22.91 9.86
CA GLY A 63 6.73 24.11 10.47
C GLY A 63 5.26 23.98 10.82
N LEU A 64 4.66 22.83 10.47
CA LEU A 64 3.25 22.56 10.75
C LEU A 64 3.08 22.07 12.18
N ALA A 65 1.87 22.23 12.71
CA ALA A 65 1.52 21.70 14.01
C ALA A 65 1.38 20.18 13.92
N ARG A 66 1.81 19.50 14.98
CA ARG A 66 1.82 18.05 15.05
C ARG A 66 0.43 17.43 14.84
N THR A 67 -0.59 18.05 15.44
CA THR A 67 -1.94 17.52 15.35
C THR A 67 -2.48 17.54 13.92
N ASP A 68 -1.96 18.45 13.09
CA ASP A 68 -2.31 18.50 11.67
C ASP A 68 -1.56 17.42 10.88
N ILE A 69 -0.30 17.18 11.23
CA ILE A 69 0.48 16.12 10.58
C ILE A 69 -0.19 14.77 10.86
N VAL A 70 -0.51 14.52 12.13
CA VAL A 70 -1.21 13.29 12.53
C VAL A 70 -2.56 13.13 11.80
N SER A 71 -3.33 14.21 11.71
CA SER A 71 -4.61 14.21 10.99
C SER A 71 -4.43 13.97 9.48
N TRP A 72 -3.39 14.56 8.90
CA TRP A 72 -3.13 14.41 7.48
C TRP A 72 -2.77 12.97 7.13
N PHE A 73 -2.02 12.29 8.00
CA PHE A 73 -1.69 10.89 7.78
C PHE A 73 -2.93 10.00 7.88
N GLY A 74 -3.89 10.40 8.71
CA GLY A 74 -5.16 9.68 8.83
C GLY A 74 -5.99 9.85 7.58
N ASP A 75 -6.13 11.09 7.13
CA ASP A 75 -6.81 11.40 5.88
C ASP A 75 -6.20 10.65 4.70
N THR A 76 -4.86 10.66 4.64
CA THR A 76 -4.14 10.03 3.54
C THR A 76 -4.34 8.51 3.55
N ARG A 77 -4.15 7.88 4.70
CA ARG A 77 -4.43 6.45 4.85
C ARG A 77 -5.89 6.08 4.52
N TYR A 78 -6.83 6.93 4.89
CA TYR A 78 -8.23 6.70 4.53
C TYR A 78 -8.45 6.71 3.00
N ALA A 79 -7.91 7.70 2.32
CA ALA A 79 -7.97 7.73 0.85
C ALA A 79 -7.24 6.53 0.27
N TRP A 80 -6.09 6.23 0.86
CA TRP A 80 -5.20 5.16 0.40
C TRP A 80 -5.89 3.79 0.29
N LYS A 81 -6.71 3.45 1.29
CA LYS A 81 -7.41 2.17 1.29
C LYS A 81 -8.71 2.19 0.49
N ASN A 82 -9.09 3.35 -0.02
CA ASN A 82 -10.32 3.49 -0.81
C ASN A 82 -10.07 3.89 -2.27
N GLY A 83 -8.84 3.71 -2.75
CA GLY A 83 -8.50 3.99 -4.14
C GLY A 83 -8.40 5.47 -4.53
N ASN A 84 -8.35 6.37 -3.55
CA ASN A 84 -8.31 7.82 -3.83
C ASN A 84 -6.93 8.44 -3.62
N LEU A 85 -5.89 7.62 -3.59
CA LEU A 85 -4.54 8.10 -3.38
C LEU A 85 -3.69 7.70 -4.59
N LYS A 86 -4.08 8.23 -5.74
CA LYS A 86 -3.44 7.87 -7.01
C LYS A 86 -1.94 8.20 -7.03
N TRP A 87 -1.57 9.33 -6.45
CA TRP A 87 -0.17 9.77 -6.47
C TRP A 87 0.77 8.74 -5.87
N TYR A 88 0.28 8.00 -4.88
CA TYR A 88 1.07 6.92 -4.27
C TYR A 88 1.13 5.68 -5.17
N TYR A 89 -0.02 5.18 -5.63
CA TYR A 89 -0.05 3.98 -6.49
C TYR A 89 0.86 4.17 -7.69
N TYR A 90 0.74 5.31 -8.34
CA TYR A 90 1.56 5.64 -9.51
C TYR A 90 3.06 5.70 -9.18
N TYR A 91 3.38 6.21 -7.99
CA TYR A 91 4.75 6.19 -7.49
C TYR A 91 5.27 4.76 -7.32
N GLN A 92 4.41 3.85 -6.86
CA GLN A 92 4.81 2.44 -6.68
C GLN A 92 4.97 1.70 -8.02
N SER A 93 4.12 2.01 -8.98
CA SER A 93 4.19 1.40 -10.31
C SER A 93 5.34 1.93 -11.17
N ALA A 94 6.07 2.91 -10.66
CA ALA A 94 7.32 3.38 -11.27
C ALA A 94 8.56 3.04 -10.44
N ASN A 95 8.41 2.98 -9.11
CA ASN A 95 9.53 2.75 -8.20
C ASN A 95 9.98 1.30 -8.14
N SER A 96 9.13 0.42 -7.60
CA SER A 96 9.50 -0.98 -7.38
C SER A 96 9.28 -1.82 -8.64
N GLY B 27 -16.91 -27.26 -7.93
CA GLY B 27 -17.86 -26.36 -8.66
C GLY B 27 -18.13 -25.07 -7.90
N LYS B 28 -17.17 -24.15 -7.95
CA LYS B 28 -17.25 -22.88 -7.21
C LYS B 28 -16.71 -21.71 -8.02
N ILE B 29 -17.10 -20.50 -7.62
CA ILE B 29 -16.71 -19.27 -8.31
C ILE B 29 -15.20 -19.17 -8.43
N CYS B 30 -14.51 -19.36 -7.30
CA CYS B 30 -13.05 -19.37 -7.28
C CYS B 30 -12.54 -20.81 -7.39
N LYS B 31 -11.40 -20.98 -8.06
CA LYS B 31 -10.78 -22.31 -8.21
C LYS B 31 -9.72 -22.55 -7.14
N LYS B 32 -9.33 -21.49 -6.45
CA LYS B 32 -8.28 -21.58 -5.45
C LYS B 32 -8.85 -21.97 -4.09
N THR B 33 -8.14 -22.82 -3.35
CA THR B 33 -8.57 -23.17 -2.00
C THR B 33 -8.18 -22.05 -1.04
N PRO B 34 -8.82 -22.01 0.15
CA PRO B 34 -8.45 -21.04 1.18
C PRO B 34 -6.97 -21.11 1.57
N GLU B 35 -6.42 -22.32 1.63
CA GLU B 35 -4.99 -22.51 1.92
C GLU B 35 -4.14 -21.76 0.88
N GLN B 36 -4.42 -22.03 -0.39
CA GLN B 36 -3.72 -21.37 -1.50
C GLN B 36 -3.91 -19.87 -1.51
N LEU B 37 -5.14 -19.42 -1.28
CA LEU B 37 -5.42 -17.98 -1.21
C LEU B 37 -4.62 -17.29 -0.11
N HIS B 38 -4.58 -17.92 1.06
CA HIS B 38 -3.83 -17.38 2.20
C HIS B 38 -2.33 -17.23 1.86
N MET B 39 -1.80 -18.16 1.08
CA MET B 39 -0.38 -18.11 0.70
C MET B 39 -0.08 -16.95 -0.24
N LEU B 40 -0.98 -16.74 -1.20
CA LEU B 40 -0.86 -15.63 -2.16
C LEU B 40 -0.93 -14.26 -1.48
N LYS B 41 -1.83 -14.11 -0.51
CA LYS B 41 -1.92 -12.88 0.29
C LYS B 41 -0.60 -12.55 0.99
N SER B 42 0.01 -13.56 1.60
CA SER B 42 1.31 -13.40 2.25
C SER B 42 2.38 -12.99 1.26
N ALA B 43 2.31 -13.54 0.05
CA ALA B 43 3.28 -13.27 -0.99
C ALA B 43 3.09 -11.86 -1.53
N PHE B 44 1.84 -11.46 -1.67
CA PHE B 44 1.51 -10.15 -2.24
C PHE B 44 1.97 -9.00 -1.35
N VAL B 45 1.88 -9.17 -0.04
CA VAL B 45 2.28 -8.14 0.92
C VAL B 45 3.78 -7.85 0.81
N ARG B 46 4.56 -8.92 0.67
CA ARG B 46 6.01 -8.82 0.57
C ARG B 46 6.43 -8.10 -0.72
N THR B 47 5.81 -8.46 -1.84
CA THR B 47 6.06 -7.77 -3.10
C THR B 47 4.84 -7.79 -4.00
N GLN B 48 4.59 -6.66 -4.64
CA GLN B 48 3.45 -6.52 -5.53
C GLN B 48 3.79 -6.98 -6.95
N TRP B 49 5.08 -7.08 -7.25
CA TRP B 49 5.59 -7.43 -8.57
C TRP B 49 6.66 -8.51 -8.44
N PRO B 50 6.24 -9.79 -8.33
CA PRO B 50 7.20 -10.86 -8.15
C PRO B 50 8.07 -11.10 -9.39
N SER B 51 9.34 -11.41 -9.16
CA SER B 51 10.24 -11.74 -10.25
C SER B 51 9.78 -13.04 -10.92
N PRO B 52 10.29 -13.33 -12.13
CA PRO B 52 9.99 -14.60 -12.75
C PRO B 52 10.37 -15.80 -11.87
N GLU B 53 11.47 -15.67 -11.13
CA GLU B 53 11.92 -16.74 -10.23
C GLU B 53 10.99 -16.90 -9.02
N GLU B 54 10.51 -15.79 -8.47
CA GLU B 54 9.55 -15.83 -7.36
C GLU B 54 8.23 -16.49 -7.76
N TYR B 55 7.79 -16.24 -9.00
CA TYR B 55 6.57 -16.87 -9.50
C TYR B 55 6.74 -18.39 -9.56
N ASP B 56 7.88 -18.86 -10.07
CA ASP B 56 8.16 -20.29 -10.12
C ASP B 56 8.06 -20.92 -8.72
N LYS B 57 8.66 -20.26 -7.72
CA LYS B 57 8.61 -20.73 -6.35
C LYS B 57 7.16 -20.79 -5.81
N LEU B 58 6.40 -19.74 -6.07
CA LEU B 58 5.00 -19.68 -5.64
C LEU B 58 4.17 -20.80 -6.25
N ALA B 59 4.42 -21.12 -7.52
CA ALA B 59 3.74 -22.22 -8.20
C ALA B 59 4.05 -23.56 -7.52
N LYS B 60 5.33 -23.80 -7.23
CA LYS B 60 5.75 -25.02 -6.51
C LYS B 60 5.12 -25.10 -5.13
N GLU B 61 5.08 -23.97 -4.43
CA GLU B 61 4.63 -23.94 -3.03
C GLU B 61 3.11 -24.03 -2.87
N SER B 62 2.37 -23.53 -3.86
CA SER B 62 0.91 -23.51 -3.79
C SER B 62 0.23 -24.64 -4.56
N GLY B 63 0.95 -25.24 -5.50
CA GLY B 63 0.37 -26.22 -6.42
C GLY B 63 -0.44 -25.59 -7.54
N LEU B 64 -0.68 -24.27 -7.46
CA LEU B 64 -1.38 -23.53 -8.50
C LEU B 64 -0.52 -23.42 -9.75
N ALA B 65 -1.16 -23.29 -10.90
CA ALA B 65 -0.45 -23.06 -12.16
C ALA B 65 0.06 -21.62 -12.22
N ARG B 66 1.30 -21.48 -12.69
CA ARG B 66 1.98 -20.20 -12.76
C ARG B 66 1.16 -19.07 -13.41
N THR B 67 0.51 -19.37 -14.53
CA THR B 67 -0.26 -18.35 -15.26
C THR B 67 -1.47 -17.84 -14.46
N ASP B 68 -2.01 -18.68 -13.58
CA ASP B 68 -3.08 -18.27 -12.68
C ASP B 68 -2.57 -17.40 -11.55
N ILE B 69 -1.35 -17.66 -11.08
CA ILE B 69 -0.76 -16.84 -10.03
C ILE B 69 -0.44 -15.46 -10.58
N VAL B 70 0.16 -15.44 -11.77
CA VAL B 70 0.48 -14.19 -12.46
C VAL B 70 -0.78 -13.35 -12.67
N SER B 71 -1.87 -14.01 -13.07
CA SER B 71 -3.13 -13.31 -13.29
C SER B 71 -3.75 -12.81 -12.00
N TRP B 72 -3.61 -13.58 -10.93
CA TRP B 72 -4.12 -13.18 -9.62
C TRP B 72 -3.45 -11.89 -9.14
N PHE B 73 -2.14 -11.80 -9.37
CA PHE B 73 -1.38 -10.61 -8.95
C PHE B 73 -1.87 -9.36 -9.67
N GLY B 74 -2.27 -9.52 -10.94
CA GLY B 74 -2.83 -8.41 -11.72
C GLY B 74 -4.22 -8.03 -11.23
N ASP B 75 -5.05 -9.02 -10.95
CA ASP B 75 -6.38 -8.78 -10.42
C ASP B 75 -6.32 -8.09 -9.07
N THR B 76 -5.40 -8.57 -8.23
CA THR B 76 -5.22 -8.04 -6.89
C THR B 76 -4.69 -6.62 -6.94
N ARG B 77 -3.66 -6.38 -7.76
CA ARG B 77 -3.13 -5.01 -7.93
C ARG B 77 -4.22 -4.05 -8.37
N TYR B 78 -5.06 -4.51 -9.31
CA TYR B 78 -6.13 -3.70 -9.84
C TYR B 78 -7.17 -3.38 -8.76
N ALA B 79 -7.55 -4.37 -7.97
CA ALA B 79 -8.51 -4.13 -6.90
C ALA B 79 -7.95 -3.14 -5.88
N TRP B 80 -6.64 -3.18 -5.66
CA TRP B 80 -5.98 -2.25 -4.73
C TRP B 80 -5.99 -0.80 -5.21
N LYS B 81 -5.71 -0.59 -6.49
CA LYS B 81 -5.79 0.76 -7.05
C LYS B 81 -7.22 1.31 -7.00
N ASN B 82 -8.20 0.40 -6.96
CA ASN B 82 -9.61 0.78 -6.98
C ASN B 82 -10.32 0.78 -5.63
N GLY B 83 -9.57 0.59 -4.54
CA GLY B 83 -10.17 0.62 -3.19
C GLY B 83 -10.83 -0.67 -2.72
N ASN B 84 -10.70 -1.75 -3.49
CA ASN B 84 -11.40 -3.01 -3.23
C ASN B 84 -10.52 -4.12 -2.65
N LEU B 85 -9.50 -3.75 -1.88
CA LEU B 85 -8.57 -4.74 -1.33
C LEU B 85 -8.14 -4.32 0.08
N LYS B 86 -9.14 -4.14 0.94
CA LYS B 86 -8.90 -3.64 2.29
C LYS B 86 -8.04 -4.54 3.16
N TRP B 87 -8.05 -5.85 2.91
CA TRP B 87 -7.20 -6.76 3.70
C TRP B 87 -5.73 -6.36 3.53
N TYR B 88 -5.37 -5.91 2.34
CA TYR B 88 -4.02 -5.47 2.08
C TYR B 88 -3.62 -4.29 2.96
N TYR B 89 -4.53 -3.34 3.16
CA TYR B 89 -4.25 -2.19 4.03
C TYR B 89 -3.98 -2.64 5.46
N TYR B 90 -4.87 -3.47 6.00
CA TYR B 90 -4.73 -3.94 7.37
C TYR B 90 -3.49 -4.83 7.58
N TYR B 91 -3.09 -5.59 6.56
CA TYR B 91 -1.84 -6.34 6.61
C TYR B 91 -0.66 -5.40 6.86
N GLN B 92 -0.57 -4.34 6.05
CA GLN B 92 0.47 -3.32 6.21
C GLN B 92 0.42 -2.63 7.57
N SER B 93 -0.79 -2.46 8.10
CA SER B 93 -1.00 -1.84 9.42
C SER B 93 -0.48 -2.72 10.54
N ALA B 94 -0.74 -4.02 10.44
CA ALA B 94 -0.24 -5.00 11.41
C ALA B 94 1.28 -5.10 11.39
N ASN B 95 1.86 -5.00 10.20
CA ASN B 95 3.32 -5.10 10.02
C ASN B 95 4.07 -3.78 10.23
N SER B 96 3.36 -2.71 10.60
CA SER B 96 3.99 -1.42 10.80
C SER B 96 4.77 -1.40 12.10
S SO4 C . -5.06 2.14 11.26
O1 SO4 C . -6.00 1.28 10.57
O2 SO4 C . -4.71 3.40 10.64
O3 SO4 C . -4.13 1.56 12.19
O4 SO4 C . -6.02 2.65 12.26
#